data_9K6K
#
_entry.id   9K6K
#
_cell.length_a   94.272
_cell.length_b   63.762
_cell.length_c   117.106
_cell.angle_alpha   90.00
_cell.angle_beta   111.16
_cell.angle_gamma   90.00
#
_symmetry.space_group_name_H-M   'C 1 2 1'
#
loop_
_entity.id
_entity.type
_entity.pdbx_description
1 polymer 'Thymidine kinase'
2 non-polymer 'ZINC ION'
3 non-polymer 'PHOSPHATE ION'
4 non-polymer "THYMIDINE-5'-TRIPHOSPHATE"
#
_entity_poly.entity_id   1
_entity_poly.type   'polypeptide(L)'
_entity_poly.pdbx_seq_one_letter_code
;MNGGHIQLIIGPMFSGKSTELIRRVRRYQIAQYKCVTIKYSNDNRYGTGLWTHDKNNFAALEVTKLCDVLEAITDFSVIG
IDAGQFFPDIVEFCERMANEGKIVIVAALDGTFQRRPFNNILNLIPLSEMVVKLTAVCMKCFKEASFSKRLGTETEIEII
GGNDMYQSVCRKCYIDS
;
_entity_poly.pdbx_strand_id   A,B,C,D
#
loop_
_chem_comp.id
_chem_comp.type
_chem_comp.name
_chem_comp.formula
PO4 non-polymer 'PHOSPHATE ION' 'O4 P -3'
TTP non-polymer THYMIDINE-5'-TRIPHOSPHATE 'C10 H17 N2 O14 P3'
ZN non-polymer 'ZINC ION' 'Zn 2'
#
# COMPACT_ATOMS: atom_id res chain seq x y z
N ASN A 2 -18.77 4.01 15.55
CA ASN A 2 -20.09 4.05 14.94
C ASN A 2 -19.98 4.24 13.45
N GLY A 3 -19.97 5.50 13.00
CA GLY A 3 -19.93 5.79 11.59
C GLY A 3 -18.55 6.19 11.12
N GLY A 4 -17.66 6.50 12.05
CA GLY A 4 -16.33 6.96 11.71
C GLY A 4 -15.35 5.82 11.54
N HIS A 5 -14.07 6.18 11.50
CA HIS A 5 -13.00 5.20 11.41
C HIS A 5 -11.70 5.84 11.86
N ILE A 6 -10.65 5.03 11.91
CA ILE A 6 -9.32 5.43 12.35
C ILE A 6 -8.29 5.01 11.33
N GLN A 7 -7.51 5.98 10.87
CA GLN A 7 -6.38 5.79 9.98
C GLN A 7 -5.10 5.99 10.79
N LEU A 8 -4.16 5.06 10.67
CA LEU A 8 -2.95 5.03 11.47
C LEU A 8 -1.74 5.06 10.56
N ILE A 9 -0.85 6.03 10.78
CA ILE A 9 0.36 6.22 9.98
C ILE A 9 1.54 6.14 10.93
N ILE A 10 2.34 5.11 10.79
CA ILE A 10 3.53 4.97 11.63
C ILE A 10 4.75 4.94 10.73
N GLY A 11 5.92 4.80 11.35
CA GLY A 11 7.18 4.85 10.64
C GLY A 11 8.21 5.58 11.46
N PRO A 12 9.47 5.45 11.09
CA PRO A 12 10.53 6.13 11.84
C PRO A 12 10.52 7.62 11.58
N MET A 13 11.42 8.34 12.25
CA MET A 13 11.61 9.74 11.96
C MET A 13 12.10 9.91 10.52
N PHE A 14 11.85 11.09 9.98
CA PHE A 14 12.29 11.47 8.64
C PHE A 14 11.66 10.58 7.56
N SER A 15 10.57 9.89 7.87
CA SER A 15 9.89 9.10 6.86
C SER A 15 8.73 9.84 6.20
N GLY A 16 8.35 11.01 6.71
CA GLY A 16 7.32 11.82 6.10
C GLY A 16 5.92 11.65 6.64
N LYS A 17 5.77 11.14 7.86
CA LYS A 17 4.46 10.86 8.42
C LYS A 17 3.59 12.11 8.52
N SER A 18 4.16 13.22 8.99
CA SER A 18 3.39 14.45 9.14
C SER A 18 2.94 14.99 7.79
N THR A 19 3.81 14.89 6.78
CA THR A 19 3.44 15.35 5.44
C THR A 19 2.28 14.53 4.89
N GLU A 20 2.36 13.21 5.05
CA GLU A 20 1.26 12.35 4.62
C GLU A 20 -0.01 12.67 5.41
N LEU A 21 0.14 13.04 6.67
CA LEU A 21 -1.00 13.45 7.47
C LEU A 21 -1.71 14.63 6.82
N ILE A 22 -0.96 15.70 6.52
CA ILE A 22 -1.63 16.86 5.95
C ILE A 22 -2.11 16.58 4.53
N ARG A 23 -1.54 15.60 3.83
CA ARG A 23 -2.09 15.23 2.53
C ARG A 23 -3.47 14.59 2.69
N ARG A 24 -3.57 13.61 3.61
CA ARG A 24 -4.84 12.92 3.82
C ARG A 24 -5.90 13.88 4.33
N VAL A 25 -5.52 14.86 5.15
CA VAL A 25 -6.49 15.83 5.64
C VAL A 25 -6.93 16.76 4.51
N ARG A 26 -5.96 17.30 3.76
CA ARG A 26 -6.28 18.22 2.67
C ARG A 26 -7.20 17.57 1.64
N ARG A 27 -7.13 16.25 1.47
CA ARG A 27 -8.10 15.57 0.60
C ARG A 27 -9.52 15.80 1.06
N TYR A 28 -9.78 15.67 2.37
CA TYR A 28 -11.13 15.91 2.87
C TYR A 28 -11.44 17.39 2.95
N GLN A 29 -10.48 18.21 3.41
CA GLN A 29 -10.72 19.64 3.58
C GLN A 29 -11.06 20.31 2.26
N ILE A 30 -10.44 19.85 1.16
CA ILE A 30 -10.75 20.43 -0.14
C ILE A 30 -12.15 20.02 -0.60
N ALA A 31 -12.74 19.00 0.03
CA ALA A 31 -14.12 18.60 -0.22
C ALA A 31 -15.08 19.16 0.84
N GLN A 32 -14.73 20.29 1.44
CA GLN A 32 -15.61 21.02 2.35
C GLN A 32 -15.98 20.21 3.60
N TYR A 33 -15.02 19.45 4.11
CA TYR A 33 -15.15 18.79 5.39
C TYR A 33 -14.68 19.72 6.50
N LYS A 34 -15.25 19.56 7.69
CA LYS A 34 -14.84 20.35 8.84
C LYS A 34 -13.65 19.65 9.48
N CYS A 35 -12.45 20.14 9.19
CA CYS A 35 -11.21 19.51 9.65
C CYS A 35 -10.55 20.31 10.75
N VAL A 36 -9.90 19.58 11.66
CA VAL A 36 -9.09 20.19 12.72
C VAL A 36 -7.87 19.32 12.97
N THR A 37 -6.74 19.95 13.26
CA THR A 37 -5.49 19.24 13.50
C THR A 37 -4.93 19.61 14.86
N ILE A 38 -4.32 18.63 15.53
CA ILE A 38 -3.77 18.76 16.87
C ILE A 38 -2.32 18.29 16.85
N LYS A 39 -1.46 19.01 17.57
CA LYS A 39 -0.07 18.63 17.74
C LYS A 39 0.32 18.69 19.21
N TYR A 40 1.43 18.04 19.53
CA TYR A 40 1.93 18.03 20.90
C TYR A 40 2.64 19.34 21.21
N SER A 41 2.56 19.76 22.46
CA SER A 41 3.15 21.03 22.87
C SER A 41 4.67 20.95 22.96
N ALA A 59 -1.43 25.22 10.35
CA ALA A 59 -2.17 25.60 11.55
C ALA A 59 -2.76 24.39 12.26
N ALA A 60 -2.43 24.23 13.55
CA ALA A 60 -2.97 23.10 14.30
C ALA A 60 -2.87 23.39 15.80
N LEU A 61 -3.93 23.03 16.53
CA LEU A 61 -3.95 23.18 17.97
C LEU A 61 -2.76 22.50 18.62
N GLU A 62 -2.31 23.04 19.74
CA GLU A 62 -1.17 22.51 20.48
C GLU A 62 -1.62 22.22 21.91
N VAL A 63 -1.74 20.94 22.26
CA VAL A 63 -2.20 20.52 23.58
C VAL A 63 -1.30 19.40 24.08
N THR A 64 -1.48 19.08 25.36
CA THR A 64 -0.75 17.99 25.99
C THR A 64 -1.61 16.80 26.36
N LYS A 65 -2.87 17.03 26.74
CA LYS A 65 -3.82 15.97 27.01
C LYS A 65 -4.98 16.09 26.03
N LEU A 66 -5.29 15.00 25.33
CA LEU A 66 -6.37 15.03 24.34
C LEU A 66 -7.74 15.11 24.98
N CYS A 67 -7.90 14.66 26.22
CA CYS A 67 -9.19 14.71 26.89
C CYS A 67 -9.65 16.14 27.20
N ASP A 68 -8.82 17.15 26.94
CA ASP A 68 -9.23 18.53 27.18
C ASP A 68 -10.02 19.10 26.01
N VAL A 69 -9.79 18.59 24.80
CA VAL A 69 -10.45 19.12 23.61
C VAL A 69 -11.58 18.20 23.15
N LEU A 70 -12.03 17.29 24.01
CA LEU A 70 -13.14 16.42 23.65
C LEU A 70 -14.40 17.24 23.41
N GLU A 71 -14.63 18.28 24.22
CA GLU A 71 -15.78 19.15 24.05
C GLU A 71 -15.60 20.06 22.84
N ALA A 72 -14.39 20.54 22.62
CA ALA A 72 -14.18 21.62 21.65
C ALA A 72 -14.43 21.15 20.22
N ILE A 73 -13.82 20.04 19.83
CA ILE A 73 -13.83 19.63 18.42
C ILE A 73 -15.06 18.78 18.12
N THR A 74 -16.15 19.01 18.86
CA THR A 74 -17.38 18.27 18.64
C THR A 74 -17.99 18.57 17.28
N ASP A 75 -17.77 19.78 16.76
CA ASP A 75 -18.37 20.21 15.51
C ASP A 75 -17.56 19.82 14.29
N PHE A 76 -16.45 19.11 14.47
CA PHE A 76 -15.60 18.76 13.35
C PHE A 76 -15.82 17.30 12.96
N SER A 77 -15.71 17.04 11.66
CA SER A 77 -15.90 15.68 11.17
C SER A 77 -14.58 14.97 10.91
N VAL A 78 -13.49 15.71 10.71
CA VAL A 78 -12.18 15.15 10.43
C VAL A 78 -11.21 15.67 11.48
N ILE A 79 -10.54 14.75 12.16
CA ILE A 79 -9.58 15.06 13.22
C ILE A 79 -8.25 14.44 12.84
N GLY A 80 -7.21 15.26 12.71
CA GLY A 80 -5.86 14.80 12.46
C GLY A 80 -4.98 15.09 13.66
N ILE A 81 -4.22 14.08 14.08
CA ILE A 81 -3.34 14.16 15.23
C ILE A 81 -1.92 13.82 14.79
N ASP A 82 -0.95 14.64 15.19
CA ASP A 82 0.45 14.41 14.88
C ASP A 82 1.23 14.11 16.16
N ALA A 83 2.20 13.21 16.04
CA ALA A 83 3.00 12.71 17.17
C ALA A 83 2.12 12.13 18.27
N GLY A 84 1.25 11.19 17.88
CA GLY A 84 0.28 10.64 18.81
C GLY A 84 0.87 9.86 19.96
N GLN A 85 2.12 9.40 19.84
CA GLN A 85 2.72 8.62 20.91
C GLN A 85 2.88 9.42 22.20
N PHE A 86 2.95 10.74 22.09
CA PHE A 86 3.10 11.58 23.28
C PHE A 86 1.81 11.75 24.06
N PHE A 87 0.64 11.54 23.43
CA PHE A 87 -0.63 11.68 24.13
C PHE A 87 -0.97 10.40 24.87
N PRO A 88 -0.95 10.40 26.20
CA PRO A 88 -1.26 9.16 26.93
C PRO A 88 -2.67 8.67 26.70
N ASP A 89 -3.64 9.58 26.58
CA ASP A 89 -5.03 9.19 26.38
C ASP A 89 -5.39 9.08 24.91
N ILE A 90 -4.43 8.70 24.05
CA ILE A 90 -4.69 8.67 22.61
C ILE A 90 -5.74 7.62 22.29
N VAL A 91 -5.80 6.52 23.03
CA VAL A 91 -6.63 5.38 22.70
C VAL A 91 -8.10 5.73 22.91
N GLU A 92 -8.50 5.94 24.17
CA GLU A 92 -9.88 6.26 24.49
C GLU A 92 -10.36 7.52 23.77
N PHE A 93 -9.46 8.40 23.35
CA PHE A 93 -9.88 9.54 22.55
C PHE A 93 -10.34 9.09 21.18
N CYS A 94 -9.48 8.40 20.43
CA CYS A 94 -9.80 8.12 19.04
C CYS A 94 -11.05 7.26 18.92
N GLU A 95 -11.19 6.28 19.80
CA GLU A 95 -12.36 5.42 19.77
C GLU A 95 -13.60 6.27 19.98
N ARG A 96 -13.60 7.10 21.02
CA ARG A 96 -14.75 7.96 21.25
C ARG A 96 -15.05 8.79 20.01
N MET A 97 -14.01 9.40 19.43
CA MET A 97 -14.27 10.24 18.26
C MET A 97 -14.77 9.40 17.09
N ALA A 98 -14.18 8.21 16.90
CA ALA A 98 -14.63 7.35 15.80
C ALA A 98 -16.04 6.85 16.04
N ASN A 99 -16.46 6.75 17.30
CA ASN A 99 -17.82 6.33 17.61
C ASN A 99 -18.83 7.47 17.51
N GLU A 100 -18.38 8.70 17.28
CA GLU A 100 -19.28 9.83 17.08
C GLU A 100 -19.46 10.16 15.61
N GLY A 101 -19.04 9.26 14.71
CA GLY A 101 -19.08 9.48 13.29
C GLY A 101 -17.90 10.22 12.72
N LYS A 102 -16.85 10.45 13.50
CA LYS A 102 -15.73 11.27 13.06
C LYS A 102 -14.57 10.42 12.51
N ILE A 103 -13.89 10.97 11.51
CA ILE A 103 -12.73 10.34 10.90
C ILE A 103 -11.50 10.78 11.67
N VAL A 104 -10.72 9.82 12.17
CA VAL A 104 -9.54 10.11 12.99
C VAL A 104 -8.30 9.63 12.24
N ILE A 105 -7.34 10.54 12.03
CA ILE A 105 -6.10 10.25 11.31
C ILE A 105 -4.93 10.53 12.26
N VAL A 106 -4.10 9.53 12.52
CA VAL A 106 -3.02 9.65 13.49
C VAL A 106 -1.68 9.39 12.80
N ALA A 107 -0.69 10.25 13.07
CA ALA A 107 0.68 10.03 12.62
C ALA A 107 1.56 9.95 13.87
N ALA A 108 2.15 8.78 14.13
CA ALA A 108 2.91 8.55 15.35
C ALA A 108 4.11 7.67 15.07
N LEU A 109 5.03 7.65 16.03
CA LEU A 109 6.18 6.74 15.98
C LEU A 109 5.77 5.38 16.51
N ASP A 110 6.25 4.34 15.84
CA ASP A 110 5.97 2.98 16.29
C ASP A 110 6.94 2.56 17.38
N GLY A 111 8.19 2.99 17.29
CA GLY A 111 9.21 2.55 18.22
C GLY A 111 10.11 3.70 18.65
N THR A 112 10.62 3.58 19.85
CA THR A 112 11.50 4.57 20.43
C THR A 112 12.90 4.44 19.82
N PHE A 113 13.88 5.14 20.38
CA PHE A 113 15.25 4.99 19.91
C PHE A 113 15.83 3.63 20.29
N GLN A 114 15.25 2.97 21.29
CA GLN A 114 15.63 1.62 21.68
C GLN A 114 14.79 0.56 20.98
N ARG A 115 14.07 0.94 19.92
CA ARG A 115 13.19 0.05 19.17
C ARG A 115 12.16 -0.63 20.07
N ARG A 116 11.74 0.08 21.13
CA ARG A 116 10.73 -0.46 22.00
C ARG A 116 9.37 0.13 21.64
N PRO A 117 8.29 -0.60 21.91
CA PRO A 117 6.96 -0.13 21.53
C PRO A 117 6.48 1.10 22.28
N PHE A 118 5.69 1.92 21.58
CA PHE A 118 4.91 3.00 22.19
C PHE A 118 3.56 2.40 22.51
N ASN A 119 3.47 1.73 23.68
CA ASN A 119 2.32 0.88 23.97
C ASN A 119 0.99 1.60 23.80
N ASN A 120 0.96 2.90 24.12
CA ASN A 120 -0.25 3.68 23.90
C ASN A 120 -0.64 3.68 22.42
N ILE A 121 0.35 3.73 21.52
CA ILE A 121 0.07 3.69 20.09
C ILE A 121 -0.29 2.28 19.64
N LEU A 122 0.42 1.27 20.14
CA LEU A 122 0.16 -0.09 19.69
C LEU A 122 -1.24 -0.55 20.06
N ASN A 123 -1.76 -0.10 21.21
CA ASN A 123 -3.12 -0.46 21.60
C ASN A 123 -4.18 0.16 20.70
N LEU A 124 -3.80 0.99 19.74
CA LEU A 124 -4.75 1.59 18.82
C LEU A 124 -4.94 0.80 17.55
N ILE A 125 -4.04 -0.11 17.23
CA ILE A 125 -4.07 -0.82 15.95
C ILE A 125 -5.23 -1.82 15.89
N PRO A 126 -5.49 -2.64 16.91
CA PRO A 126 -6.69 -3.51 16.86
C PRO A 126 -8.00 -2.75 16.78
N LEU A 127 -7.99 -1.43 16.96
CA LEU A 127 -9.18 -0.60 16.85
C LEU A 127 -9.22 0.22 15.56
N SER A 128 -8.13 0.23 14.80
CA SER A 128 -8.03 1.09 13.62
C SER A 128 -8.50 0.37 12.38
N GLU A 129 -9.08 1.15 11.46
CA GLU A 129 -9.50 0.62 10.17
C GLU A 129 -8.36 0.58 9.16
N MET A 130 -7.41 1.49 9.24
CA MET A 130 -6.27 1.47 8.32
C MET A 130 -4.97 1.62 9.08
N VAL A 131 -3.96 0.81 8.73
CA VAL A 131 -2.63 0.92 9.34
C VAL A 131 -1.59 0.83 8.23
N VAL A 132 -0.70 1.81 8.18
CA VAL A 132 0.40 1.81 7.21
C VAL A 132 1.68 2.22 7.91
N LYS A 133 2.79 1.59 7.53
CA LYS A 133 4.11 1.95 8.03
C LYS A 133 4.94 2.48 6.88
N LEU A 134 5.42 3.72 7.00
CA LEU A 134 6.24 4.37 6.01
C LEU A 134 7.73 4.14 6.31
N THR A 135 8.55 4.36 5.29
CA THR A 135 9.99 4.14 5.39
C THR A 135 10.73 5.45 5.17
N ALA A 136 11.88 5.57 5.83
CA ALA A 136 12.81 6.65 5.58
C ALA A 136 13.98 6.14 4.75
N VAL A 137 14.94 7.00 4.51
CA VAL A 137 16.17 6.65 3.80
C VAL A 137 17.31 6.59 4.81
N CYS A 138 18.10 5.53 4.76
CA CYS A 138 19.18 5.37 5.72
C CYS A 138 20.25 6.45 5.54
N MET A 139 20.65 7.06 6.64
CA MET A 139 21.65 8.11 6.62
C MET A 139 23.09 7.60 6.70
N LYS A 140 23.30 6.29 6.62
CA LYS A 140 24.65 5.72 6.61
C LYS A 140 24.99 4.99 5.33
N CYS A 141 24.13 4.05 4.90
CA CYS A 141 24.34 3.31 3.66
C CYS A 141 23.28 3.60 2.62
N PHE A 142 22.56 4.71 2.77
CA PHE A 142 21.57 5.20 1.82
C PHE A 142 20.61 4.17 1.24
N LYS A 143 20.13 3.21 2.05
CA LYS A 143 19.06 2.31 1.62
C LYS A 143 17.82 2.58 2.48
N GLU A 144 16.83 1.69 2.38
CA GLU A 144 15.58 1.93 3.12
C GLU A 144 15.82 1.87 4.63
N ALA A 145 15.19 2.81 5.35
CA ALA A 145 15.30 2.91 6.80
C ALA A 145 13.93 2.71 7.44
N SER A 146 13.91 2.01 8.56
CA SER A 146 12.68 1.78 9.31
C SER A 146 12.88 1.97 10.80
N PHE A 147 14.04 2.44 11.24
CA PHE A 147 14.26 2.62 12.65
C PHE A 147 14.88 3.98 12.91
N SER A 148 14.78 4.42 14.17
CA SER A 148 15.33 5.68 14.61
C SER A 148 16.39 5.41 15.66
N LYS A 149 17.47 6.20 15.62
CA LYS A 149 18.57 6.05 16.56
C LYS A 149 18.98 7.43 17.06
N ARG A 150 19.41 7.49 18.31
CA ARG A 150 19.93 8.70 18.92
C ARG A 150 21.45 8.77 18.71
N LEU A 151 21.99 9.97 18.82
CA LEU A 151 23.43 10.18 18.65
C LEU A 151 24.13 10.31 20.00
N GLY A 162 15.05 18.08 17.36
CA GLY A 162 16.04 18.44 16.36
C GLY A 162 16.58 17.24 15.60
N ASN A 163 17.14 17.50 14.41
CA ASN A 163 17.70 16.46 13.57
C ASN A 163 19.14 16.10 13.95
N ASP A 164 19.91 17.07 14.45
CA ASP A 164 21.33 16.85 14.79
C ASP A 164 21.53 15.87 15.94
N MET A 165 20.50 15.20 16.49
CA MET A 165 20.70 14.16 17.47
C MET A 165 19.89 12.90 17.18
N TYR A 166 19.13 12.86 16.10
CA TYR A 166 18.39 11.67 15.70
C TYR A 166 18.71 11.34 14.25
N GLN A 167 18.66 10.05 13.92
CA GLN A 167 18.92 9.59 12.56
C GLN A 167 18.01 8.41 12.25
N SER A 168 17.57 8.33 11.00
CA SER A 168 16.80 7.19 10.53
C SER A 168 17.77 6.18 9.91
N VAL A 169 17.74 4.94 10.41
CA VAL A 169 18.68 3.92 9.98
C VAL A 169 17.92 2.64 9.65
N CYS A 170 18.64 1.72 9.02
CA CYS A 170 18.16 0.40 8.67
C CYS A 170 18.58 -0.60 9.75
N ARG A 171 18.37 -1.88 9.48
CA ARG A 171 18.68 -2.88 10.49
C ARG A 171 20.18 -3.09 10.63
N LYS A 172 20.89 -3.15 9.51
CA LYS A 172 22.33 -3.40 9.55
C LYS A 172 23.07 -2.24 10.22
N CYS A 173 22.65 -1.00 9.93
CA CYS A 173 23.31 0.18 10.48
C CYS A 173 22.89 0.49 11.91
N TYR A 174 21.80 -0.10 12.38
CA TYR A 174 21.36 0.15 13.75
C TYR A 174 22.20 -0.63 14.75
N ILE A 175 22.64 -1.82 14.38
CA ILE A 175 23.39 -2.68 15.29
C ILE A 175 24.90 -2.44 15.21
N ASP A 176 25.41 -2.12 14.02
CA ASP A 176 26.85 -1.97 13.81
C ASP A 176 27.40 -0.64 14.32
N SER A 177 26.54 0.26 14.78
CA SER A 177 26.99 1.55 15.29
C SER A 177 27.26 1.49 16.79
N ASN B 2 25.31 -7.63 8.19
CA ASN B 2 24.51 -8.82 8.51
C ASN B 2 23.08 -8.43 8.83
N GLY B 3 22.26 -8.29 7.79
CA GLY B 3 20.91 -7.78 7.95
C GLY B 3 19.84 -8.40 7.06
N GLY B 4 18.80 -8.94 7.70
CA GLY B 4 17.56 -9.28 7.06
C GLY B 4 16.47 -8.26 7.34
N HIS B 5 15.23 -8.67 7.15
CA HIS B 5 14.11 -7.79 7.48
C HIS B 5 12.86 -8.60 7.78
N ILE B 6 11.83 -7.88 8.22
CA ILE B 6 10.56 -8.43 8.66
C ILE B 6 9.42 -7.72 7.94
N GLN B 7 8.59 -8.51 7.27
CA GLN B 7 7.37 -8.07 6.63
C GLN B 7 6.20 -8.57 7.47
N LEU B 8 5.28 -7.66 7.78
CA LEU B 8 4.17 -7.91 8.69
C LEU B 8 2.86 -7.64 7.97
N ILE B 9 1.97 -8.63 7.98
CA ILE B 9 0.67 -8.51 7.35
C ILE B 9 -0.38 -8.81 8.40
N ILE B 10 -1.18 -7.80 8.74
CA ILE B 10 -2.27 -7.99 9.68
C ILE B 10 -3.58 -7.69 8.98
N GLY B 11 -4.68 -7.77 9.71
CA GLY B 11 -5.99 -7.62 9.14
C GLY B 11 -6.96 -8.54 9.84
N PRO B 12 -8.25 -8.33 9.61
CA PRO B 12 -9.25 -9.21 10.23
C PRO B 12 -9.28 -10.54 9.53
N MET B 13 -10.11 -11.44 10.04
CA MET B 13 -10.34 -12.68 9.33
C MET B 13 -10.98 -12.36 7.99
N PHE B 14 -10.78 -13.27 7.04
CA PHE B 14 -11.35 -13.20 5.70
C PHE B 14 -10.82 -12.02 4.88
N SER B 15 -9.67 -11.45 5.25
CA SER B 15 -9.10 -10.36 4.46
C SER B 15 -8.02 -10.83 3.47
N GLY B 16 -7.60 -12.10 3.54
CA GLY B 16 -6.65 -12.63 2.60
C GLY B 16 -5.19 -12.62 3.05
N LYS B 17 -4.92 -12.56 4.37
CA LYS B 17 -3.55 -12.48 4.86
C LYS B 17 -2.73 -13.69 4.42
N SER B 18 -3.29 -14.89 4.52
CA SER B 18 -2.55 -16.09 4.18
C SER B 18 -2.20 -16.15 2.70
N THR B 19 -3.13 -15.72 1.84
CA THR B 19 -2.86 -15.72 0.40
C THR B 19 -1.77 -14.72 0.05
N GLU B 20 -1.82 -13.53 0.65
CA GLU B 20 -0.74 -12.57 0.41
C GLU B 20 0.60 -13.12 0.89
N LEU B 21 0.57 -13.85 2.00
CA LEU B 21 1.77 -14.51 2.49
C LEU B 21 2.33 -15.45 1.43
N ILE B 22 1.48 -16.33 0.88
CA ILE B 22 2.06 -17.23 -0.10
C ILE B 22 2.48 -16.49 -1.37
N ARG B 23 1.87 -15.34 -1.70
CA ARG B 23 2.35 -14.60 -2.86
C ARG B 23 3.77 -14.08 -2.64
N ARG B 24 4.02 -13.47 -1.48
CA ARG B 24 5.36 -12.99 -1.21
C ARG B 24 6.35 -14.14 -1.12
N VAL B 25 5.93 -15.29 -0.58
CA VAL B 25 6.85 -16.41 -0.50
C VAL B 25 7.15 -16.95 -1.89
N ARG B 26 6.13 -17.10 -2.73
CA ARG B 26 6.38 -17.61 -4.08
C ARG B 26 7.26 -16.67 -4.88
N ARG B 27 7.22 -15.37 -4.58
CA ARG B 27 8.12 -14.44 -5.26
C ARG B 27 9.57 -14.83 -5.06
N TYR B 28 9.96 -15.13 -3.82
CA TYR B 28 11.35 -15.54 -3.58
C TYR B 28 11.61 -16.98 -4.02
N GLN B 29 10.68 -17.89 -3.76
CA GLN B 29 10.90 -19.29 -4.09
C GLN B 29 11.10 -19.48 -5.59
N ILE B 30 10.37 -18.71 -6.40
CA ILE B 30 10.56 -18.83 -7.84
C ILE B 30 11.88 -18.21 -8.28
N ALA B 31 12.50 -17.39 -7.44
CA ALA B 31 13.81 -16.81 -7.70
C ALA B 31 14.93 -17.60 -7.03
N GLN B 32 14.72 -18.90 -6.82
CA GLN B 32 15.74 -19.82 -6.31
C GLN B 32 16.17 -19.47 -4.89
N TYR B 33 15.22 -19.02 -4.07
CA TYR B 33 15.45 -18.87 -2.64
C TYR B 33 15.08 -20.15 -1.92
N LYS B 34 15.77 -20.43 -0.82
CA LYS B 34 15.46 -21.58 0.03
C LYS B 34 14.35 -21.14 0.97
N CYS B 35 13.11 -21.49 0.62
CA CYS B 35 11.92 -21.01 1.33
C CYS B 35 11.30 -22.11 2.17
N VAL B 36 10.77 -21.72 3.33
CA VAL B 36 10.03 -22.65 4.19
C VAL B 36 8.90 -21.87 4.85
N THR B 37 7.78 -22.55 5.08
CA THR B 37 6.61 -21.93 5.67
C THR B 37 6.17 -22.71 6.90
N ILE B 38 5.69 -21.98 7.91
CA ILE B 38 5.25 -22.54 9.17
C ILE B 38 3.85 -22.04 9.45
N LYS B 39 2.97 -22.92 9.92
CA LYS B 39 1.65 -22.52 10.38
C LYS B 39 1.38 -23.18 11.72
N TYR B 40 0.38 -22.65 12.42
CA TYR B 40 0.03 -23.18 13.73
C TYR B 40 -0.76 -24.47 13.57
N SER B 41 -0.29 -25.53 14.24
CA SER B 41 -0.91 -26.86 14.10
C SER B 41 -2.33 -26.86 14.67
N ASN B 42 -3.09 -27.87 14.24
CA ASN B 42 -4.50 -28.06 14.66
C ASN B 42 -5.31 -26.79 14.41
N ASP B 43 -5.11 -26.20 13.22
CA ASP B 43 -5.81 -24.96 12.87
C ASP B 43 -7.30 -25.22 12.67
N ASN B 44 -7.65 -26.27 11.93
CA ASN B 44 -9.04 -26.61 11.70
C ASN B 44 -9.19 -28.07 11.29
N ALA B 59 2.73 -26.55 0.88
CA ALA B 59 3.75 -27.26 1.64
C ALA B 59 4.23 -26.40 2.82
N ALA B 60 3.65 -26.65 4.00
CA ALA B 60 3.92 -25.84 5.19
C ALA B 60 4.04 -26.74 6.40
N LEU B 61 4.95 -26.38 7.30
CA LEU B 61 5.17 -27.14 8.53
C LEU B 61 4.17 -26.69 9.57
N GLU B 62 3.78 -27.62 10.44
CA GLU B 62 2.75 -27.38 11.44
C GLU B 62 3.32 -27.63 12.82
N VAL B 63 3.52 -26.55 13.58
CA VAL B 63 4.11 -26.60 14.91
C VAL B 63 3.29 -25.71 15.84
N THR B 64 3.54 -25.87 17.14
CA THR B 64 2.90 -25.07 18.18
C THR B 64 3.87 -24.13 18.87
N LYS B 65 5.13 -24.53 19.03
CA LYS B 65 6.17 -23.71 19.63
C LYS B 65 7.25 -23.46 18.59
N LEU B 66 7.61 -22.19 18.39
CA LEU B 66 8.64 -21.88 17.40
C LEU B 66 10.02 -22.32 17.88
N CYS B 67 10.23 -22.44 19.20
CA CYS B 67 11.51 -22.90 19.71
C CYS B 67 11.80 -24.35 19.32
N ASP B 68 10.84 -25.02 18.69
CA ASP B 68 11.07 -26.38 18.24
C ASP B 68 11.76 -26.43 16.88
N VAL B 69 11.55 -25.42 16.05
CA VAL B 69 12.12 -25.38 14.70
C VAL B 69 13.24 -24.35 14.59
N LEU B 70 13.75 -23.84 15.72
CA LEU B 70 14.81 -22.84 15.63
C LEU B 70 16.07 -23.42 14.99
N GLU B 71 16.42 -24.66 15.35
CA GLU B 71 17.61 -25.28 14.80
C GLU B 71 17.40 -25.70 13.34
N ALA B 72 16.19 -26.15 13.01
CA ALA B 72 15.97 -26.83 11.73
C ALA B 72 16.14 -25.87 10.55
N ILE B 73 15.55 -24.70 10.63
CA ILE B 73 15.48 -23.82 9.46
C ILE B 73 16.70 -22.92 9.38
N THR B 74 17.84 -23.37 9.92
CA THR B 74 19.05 -22.55 9.86
C THR B 74 19.54 -22.36 8.43
N ASP B 75 19.28 -23.32 7.54
CA ASP B 75 19.77 -23.27 6.17
C ASP B 75 18.84 -22.53 5.23
N PHE B 76 17.74 -21.97 5.72
CA PHE B 76 16.78 -21.31 4.87
C PHE B 76 16.94 -19.80 4.95
N SER B 77 16.67 -19.12 3.83
CA SER B 77 16.76 -17.68 3.76
C SER B 77 15.41 -16.98 3.86
N VAL B 78 14.31 -17.66 3.52
CA VAL B 78 12.97 -17.09 3.54
C VAL B 78 12.10 -17.91 4.47
N ILE B 79 11.52 -17.26 5.47
CA ILE B 79 10.67 -17.87 6.46
C ILE B 79 9.31 -17.19 6.37
N GLY B 80 8.27 -17.96 6.08
CA GLY B 80 6.91 -17.47 6.09
C GLY B 80 6.15 -18.13 7.21
N ILE B 81 5.42 -17.32 7.99
CA ILE B 81 4.67 -17.80 9.15
C ILE B 81 3.21 -17.38 9.04
N ASP B 82 2.31 -18.34 9.22
CA ASP B 82 0.88 -18.10 9.19
C ASP B 82 0.27 -18.32 10.58
N ALA B 83 -0.73 -17.51 10.90
CA ALA B 83 -1.35 -17.47 12.22
C ALA B 83 -0.30 -17.24 13.30
N GLY B 84 0.51 -16.20 13.09
CA GLY B 84 1.62 -15.91 13.99
C GLY B 84 1.23 -15.47 15.38
N GLN B 85 -0.01 -15.00 15.55
CA GLN B 85 -0.43 -14.52 16.87
C GLN B 85 -0.46 -15.62 17.91
N PHE B 86 -0.57 -16.89 17.49
CA PHE B 86 -0.62 -18.00 18.43
C PHE B 86 0.73 -18.37 19.01
N PHE B 87 1.83 -17.97 18.37
CA PHE B 87 3.15 -18.30 18.88
C PHE B 87 3.61 -17.28 19.92
N PRO B 88 3.75 -17.68 21.18
CA PRO B 88 4.16 -16.71 22.21
C PRO B 88 5.55 -16.14 21.98
N ASP B 89 6.47 -16.94 21.44
CA ASP B 89 7.83 -16.49 21.18
C ASP B 89 8.01 -15.95 19.75
N ILE B 90 6.97 -15.34 19.18
CA ILE B 90 7.05 -14.89 17.80
C ILE B 90 8.07 -13.77 17.63
N VAL B 91 8.19 -12.89 18.64
CA VAL B 91 9.01 -11.69 18.48
C VAL B 91 10.50 -12.03 18.51
N GLU B 92 10.94 -12.77 19.54
CA GLU B 92 12.34 -13.15 19.61
C GLU B 92 12.74 -14.01 18.42
N PHE B 93 11.83 -14.89 18.00
CA PHE B 93 12.10 -15.70 16.81
C PHE B 93 12.36 -14.83 15.59
N CYS B 94 11.41 -13.94 15.29
CA CYS B 94 11.54 -13.14 14.08
C CYS B 94 12.77 -12.25 14.15
N GLU B 95 13.06 -11.69 15.33
CA GLU B 95 14.23 -10.83 15.47
C GLU B 95 15.53 -11.60 15.27
N ARG B 96 15.62 -12.81 15.82
CA ARG B 96 16.83 -13.61 15.62
C ARG B 96 17.02 -13.94 14.14
N MET B 97 15.97 -14.47 13.50
CA MET B 97 16.11 -14.83 12.09
C MET B 97 16.42 -13.61 11.23
N ALA B 98 15.79 -12.47 11.54
CA ALA B 98 16.05 -11.24 10.78
C ALA B 98 17.47 -10.73 11.02
N ASN B 99 18.04 -11.01 12.18
CA ASN B 99 19.42 -10.61 12.46
C ASN B 99 20.44 -11.58 11.89
N GLU B 100 20.01 -12.77 11.47
CA GLU B 100 20.93 -13.72 10.84
C GLU B 100 20.86 -13.67 9.31
N GLY B 101 20.21 -12.66 8.75
CA GLY B 101 20.15 -12.49 7.32
C GLY B 101 18.96 -13.12 6.62
N LYS B 102 17.99 -13.61 7.37
CA LYS B 102 16.82 -14.27 6.78
C LYS B 102 15.66 -13.29 6.67
N ILE B 103 14.87 -13.45 5.61
CA ILE B 103 13.67 -12.64 5.38
C ILE B 103 12.51 -13.31 6.08
N VAL B 104 11.83 -12.58 6.96
CA VAL B 104 10.73 -13.13 7.76
C VAL B 104 9.45 -12.43 7.32
N ILE B 105 8.46 -13.20 6.91
CA ILE B 105 7.17 -12.70 6.47
C ILE B 105 6.11 -13.33 7.36
N VAL B 106 5.32 -12.49 8.04
CA VAL B 106 4.36 -12.94 9.05
C VAL B 106 2.97 -12.50 8.64
N ALA B 107 2.00 -13.41 8.73
CA ALA B 107 0.59 -13.07 8.55
C ALA B 107 -0.12 -13.38 9.87
N ALA B 108 -0.65 -12.36 10.53
CA ALA B 108 -1.23 -12.54 11.86
C ALA B 108 -2.46 -11.66 12.02
N LEU B 109 -3.24 -11.97 13.06
CA LEU B 109 -4.37 -11.13 13.44
C LEU B 109 -3.91 -10.01 14.37
N ASP B 110 -4.44 -8.81 14.14
CA ASP B 110 -4.08 -7.69 15.00
C ASP B 110 -4.92 -7.68 16.27
N GLY B 111 -6.18 -8.08 16.18
CA GLY B 111 -7.07 -8.03 17.33
C GLY B 111 -7.91 -9.29 17.46
N THR B 112 -8.28 -9.59 18.70
CA THR B 112 -9.11 -10.75 19.01
C THR B 112 -10.57 -10.41 18.69
N PHE B 113 -11.50 -11.24 19.16
CA PHE B 113 -12.91 -10.94 18.92
C PHE B 113 -13.38 -9.73 19.73
N GLN B 114 -12.67 -9.39 20.80
CA GLN B 114 -12.96 -8.22 21.62
C GLN B 114 -12.19 -6.99 21.16
N ARG B 115 -11.60 -7.03 19.96
CA ARG B 115 -10.79 -5.94 19.42
C ARG B 115 -9.68 -5.52 20.37
N ARG B 116 -9.19 -6.46 21.16
CA ARG B 116 -8.06 -6.30 22.07
C ARG B 116 -6.82 -6.92 21.46
N PRO B 117 -5.62 -6.45 21.83
CA PRO B 117 -4.41 -6.98 21.18
C PRO B 117 -4.28 -8.47 21.40
N PHE B 118 -3.78 -9.16 20.36
CA PHE B 118 -3.64 -10.61 20.39
C PHE B 118 -2.24 -10.99 20.85
N ASN B 119 -2.15 -11.57 22.05
CA ASN B 119 -0.93 -12.21 22.59
C ASN B 119 0.22 -11.22 22.48
N ASN B 120 1.36 -11.61 21.91
CA ASN B 120 2.56 -10.78 21.83
C ASN B 120 2.90 -10.46 20.38
N ILE B 121 1.89 -10.15 19.57
CA ILE B 121 2.10 -9.88 18.15
C ILE B 121 2.36 -8.40 17.84
N LEU B 122 1.96 -7.49 18.73
CA LEU B 122 2.16 -6.07 18.45
C LEU B 122 3.59 -5.63 18.74
N ASN B 123 4.24 -6.26 19.72
CA ASN B 123 5.64 -5.96 20.03
C ASN B 123 6.58 -6.24 18.87
N LEU B 124 6.05 -6.73 17.75
CA LEU B 124 6.84 -7.02 16.56
C LEU B 124 6.90 -5.85 15.60
N ILE B 125 6.03 -4.86 15.76
CA ILE B 125 5.94 -3.74 14.83
C ILE B 125 7.14 -2.80 14.97
N PRO B 126 7.59 -2.45 16.19
CA PRO B 126 8.83 -1.68 16.32
C PRO B 126 10.06 -2.40 15.77
N LEU B 127 9.95 -3.69 15.47
CA LEU B 127 11.05 -4.46 14.93
C LEU B 127 10.91 -4.76 13.45
N SER B 128 9.76 -4.47 12.86
CA SER B 128 9.49 -4.80 11.47
C SER B 128 9.87 -3.68 10.52
N GLU B 129 10.34 -4.06 9.33
CA GLU B 129 10.65 -3.06 8.33
C GLU B 129 9.41 -2.66 7.54
N MET B 130 8.49 -3.59 7.32
CA MET B 130 7.25 -3.22 6.63
C MET B 130 6.06 -3.78 7.37
N VAL B 131 5.03 -2.95 7.53
CA VAL B 131 3.79 -3.33 8.21
C VAL B 131 2.62 -2.85 7.36
N VAL B 132 1.70 -3.78 7.05
CA VAL B 132 0.49 -3.46 6.28
C VAL B 132 -0.73 -4.10 6.93
N LYS B 133 -1.85 -3.40 6.88
CA LYS B 133 -3.12 -3.93 7.37
C LYS B 133 -4.07 -4.10 6.18
N LEU B 134 -4.53 -5.33 5.98
CA LEU B 134 -5.48 -5.64 4.92
C LEU B 134 -6.91 -5.55 5.44
N THR B 135 -7.84 -5.38 4.51
CA THR B 135 -9.24 -5.23 4.84
C THR B 135 -10.06 -6.38 4.27
N ALA B 136 -11.12 -6.72 4.97
CA ALA B 136 -12.10 -7.68 4.51
C ALA B 136 -13.33 -6.93 3.98
N VAL B 137 -14.36 -7.69 3.64
CA VAL B 137 -15.67 -7.17 3.24
C VAL B 137 -16.65 -7.47 4.37
N CYS B 138 -17.41 -6.45 4.78
CA CYS B 138 -18.37 -6.65 5.86
C CYS B 138 -19.50 -7.56 5.39
N MET B 139 -19.82 -8.57 6.21
CA MET B 139 -20.84 -9.54 5.86
C MET B 139 -22.25 -9.11 6.25
N LYS B 140 -22.42 -7.87 6.71
CA LYS B 140 -23.72 -7.33 7.05
C LYS B 140 -24.10 -6.12 6.20
N CYS B 141 -23.20 -5.14 6.09
CA CYS B 141 -23.44 -3.92 5.32
C CYS B 141 -22.55 -3.86 4.08
N PHE B 142 -21.92 -4.97 3.72
CA PHE B 142 -21.10 -5.11 2.51
C PHE B 142 -20.18 -3.91 2.27
N LYS B 143 -19.56 -3.39 3.34
CA LYS B 143 -18.57 -2.34 3.25
C LYS B 143 -17.21 -2.91 3.66
N GLU B 144 -16.23 -2.03 3.85
CA GLU B 144 -14.91 -2.50 4.24
C GLU B 144 -14.92 -2.92 5.70
N ALA B 145 -14.53 -4.16 5.95
CA ALA B 145 -14.47 -4.73 7.30
C ALA B 145 -13.05 -4.67 7.81
N SER B 146 -12.90 -4.40 9.09
CA SER B 146 -11.58 -4.40 9.72
C SER B 146 -11.59 -5.09 11.06
N PHE B 147 -12.69 -5.73 11.45
CA PHE B 147 -12.75 -6.39 12.74
C PHE B 147 -13.37 -7.76 12.56
N SER B 148 -13.14 -8.63 13.55
CA SER B 148 -13.70 -9.98 13.54
C SER B 148 -14.64 -10.09 14.73
N LYS B 149 -15.77 -10.77 14.51
CA LYS B 149 -16.79 -10.90 15.54
C LYS B 149 -17.26 -12.34 15.60
N ARG B 150 -17.16 -12.94 16.78
CA ARG B 150 -17.59 -14.32 16.98
C ARG B 150 -19.10 -14.39 17.06
N LEU B 151 -19.64 -15.52 16.63
CA LEU B 151 -21.09 -15.73 16.62
C LEU B 151 -21.58 -16.57 17.79
N GLY B 152 -20.71 -17.40 18.38
CA GLY B 152 -21.12 -18.27 19.46
C GLY B 152 -21.33 -17.55 20.77
N THR B 153 -21.35 -18.30 21.87
CA THR B 153 -21.56 -17.74 23.19
C THR B 153 -20.36 -17.92 24.12
N GLU B 154 -19.25 -18.46 23.62
CA GLU B 154 -18.07 -18.68 24.46
C GLU B 154 -17.30 -17.38 24.67
N THR B 155 -15.98 -17.50 24.87
CA THR B 155 -15.06 -16.35 25.00
C THR B 155 -13.72 -16.81 24.43
N GLU B 156 -13.63 -16.77 23.10
CA GLU B 156 -12.47 -17.27 22.38
C GLU B 156 -11.22 -16.42 22.62
N ILE B 159 -11.04 -20.27 20.77
CA ILE B 159 -11.73 -21.21 19.89
C ILE B 159 -11.42 -20.85 18.44
N ILE B 160 -11.06 -21.86 17.64
CA ILE B 160 -10.70 -21.65 16.24
C ILE B 160 -11.88 -22.08 15.38
N GLY B 161 -11.97 -21.50 14.19
CA GLY B 161 -13.04 -21.86 13.26
C GLY B 161 -12.92 -21.06 11.99
N GLY B 162 -13.76 -21.42 11.02
CA GLY B 162 -13.80 -20.74 9.74
C GLY B 162 -14.73 -19.53 9.76
N ASN B 163 -15.85 -19.63 9.05
CA ASN B 163 -16.86 -18.57 9.06
C ASN B 163 -18.14 -18.99 9.74
N ASP B 164 -18.22 -20.24 10.21
CA ASP B 164 -19.44 -20.70 10.88
C ASP B 164 -19.66 -20.01 12.22
N MET B 165 -18.58 -19.57 12.86
CA MET B 165 -18.67 -18.90 14.16
C MET B 165 -18.08 -17.51 14.17
N TYR B 166 -17.36 -17.10 13.13
CA TYR B 166 -16.81 -15.75 13.02
C TYR B 166 -17.30 -15.08 11.75
N GLN B 167 -17.33 -13.75 11.79
CA GLN B 167 -17.67 -12.93 10.62
C GLN B 167 -16.83 -11.65 10.68
N SER B 168 -16.40 -11.17 9.51
CA SER B 168 -15.62 -9.95 9.42
C SER B 168 -16.57 -8.77 9.22
N VAL B 169 -16.51 -7.79 10.13
CA VAL B 169 -17.45 -6.68 10.15
C VAL B 169 -16.70 -5.37 10.25
N CYS B 170 -17.46 -4.29 10.05
CA CYS B 170 -16.97 -2.93 10.16
C CYS B 170 -17.24 -2.41 11.57
N ARG B 171 -17.09 -1.10 11.76
CA ARG B 171 -17.21 -0.51 13.10
C ARG B 171 -18.66 -0.49 13.56
N LYS B 172 -19.57 -0.04 12.70
CA LYS B 172 -20.97 0.12 13.09
C LYS B 172 -21.64 -1.23 13.37
N CYS B 173 -21.32 -2.25 12.57
CA CYS B 173 -21.94 -3.56 12.72
C CYS B 173 -21.34 -4.37 13.86
N TYR B 174 -20.17 -3.97 14.39
CA TYR B 174 -19.56 -4.70 15.48
C TYR B 174 -20.26 -4.44 16.81
N ILE B 175 -20.89 -3.28 16.97
CA ILE B 175 -21.61 -2.93 18.18
C ILE B 175 -23.09 -2.76 17.84
N ASP B 176 -23.95 -3.22 18.75
CA ASP B 176 -25.39 -3.17 18.51
C ASP B 176 -26.09 -2.27 19.53
N ASN C 2 22.83 3.39 -15.40
CA ASN C 2 22.04 2.21 -15.70
C ASN C 2 21.66 1.47 -14.42
N GLY C 3 21.56 2.21 -13.32
CA GLY C 3 21.25 1.61 -12.03
C GLY C 3 20.29 2.44 -11.20
N GLY C 4 19.49 3.28 -11.85
CA GLY C 4 18.49 4.08 -11.20
C GLY C 4 17.10 3.50 -11.34
N HIS C 5 16.09 4.31 -11.05
CA HIS C 5 14.72 3.85 -11.20
C HIS C 5 13.76 5.02 -11.32
N ILE C 6 12.50 4.69 -11.61
CA ILE C 6 11.44 5.66 -11.85
C ILE C 6 10.24 5.33 -10.97
N GLN C 7 9.82 6.32 -10.18
CA GLN C 7 8.63 6.27 -9.36
C GLN C 7 7.56 7.16 -9.98
N LEU C 8 6.36 6.62 -10.13
CA LEU C 8 5.28 7.24 -10.88
C LEU C 8 4.07 7.39 -9.96
N ILE C 9 3.54 8.60 -9.92
CA ILE C 9 2.40 8.95 -9.08
C ILE C 9 1.33 9.52 -9.99
N ILE C 10 0.18 8.83 -10.07
CA ILE C 10 -0.94 9.36 -10.84
C ILE C 10 -2.15 9.55 -9.93
N GLY C 11 -3.25 10.04 -10.51
CA GLY C 11 -4.45 10.35 -9.76
C GLY C 11 -5.13 11.61 -10.27
N PRO C 12 -6.39 11.80 -9.89
CA PRO C 12 -7.12 13.00 -10.32
C PRO C 12 -6.64 14.24 -9.58
N MET C 13 -7.19 15.41 -9.91
CA MET C 13 -6.88 16.60 -9.16
C MET C 13 -7.33 16.48 -7.70
N PHE C 14 -6.66 17.23 -6.84
CA PHE C 14 -6.99 17.31 -5.42
C PHE C 14 -6.84 15.96 -4.71
N SER C 15 -6.06 15.07 -5.30
CA SER C 15 -5.77 13.79 -4.67
C SER C 15 -4.49 13.81 -3.86
N GLY C 16 -3.70 14.88 -3.97
CA GLY C 16 -2.48 15.01 -3.19
C GLY C 16 -1.22 14.54 -3.85
N LYS C 17 -1.20 14.47 -5.19
CA LYS C 17 -0.03 13.97 -5.90
C LYS C 17 1.22 14.80 -5.62
N SER C 18 1.07 16.13 -5.62
CA SER C 18 2.23 16.99 -5.42
C SER C 18 2.79 16.83 -4.02
N THR C 19 1.91 16.74 -3.02
CA THR C 19 2.35 16.59 -1.64
C THR C 19 3.11 15.27 -1.46
N GLU C 20 2.62 14.21 -2.09
CA GLU C 20 3.34 12.94 -2.07
C GLU C 20 4.69 13.08 -2.77
N LEU C 21 4.72 13.85 -3.87
CA LEU C 21 5.99 14.06 -4.57
C LEU C 21 7.02 14.69 -3.65
N ILE C 22 6.69 15.81 -3.02
CA ILE C 22 7.70 16.43 -2.16
C ILE C 22 7.96 15.57 -0.93
N ARG C 23 7.02 14.72 -0.51
CA ARG C 23 7.33 13.81 0.58
C ARG C 23 8.42 12.82 0.17
N ARG C 24 8.26 12.22 -1.01
CA ARG C 24 9.26 11.26 -1.48
C ARG C 24 10.61 11.93 -1.71
N VAL C 25 10.61 13.17 -2.21
CA VAL C 25 11.87 13.88 -2.42
C VAL C 25 12.49 14.28 -1.09
N ARG C 26 11.67 14.73 -0.13
CA ARG C 26 12.20 15.07 1.19
C ARG C 26 12.85 13.88 1.86
N ARG C 27 12.32 12.66 1.61
CA ARG C 27 12.95 11.46 2.14
C ARG C 27 14.43 11.39 1.74
N TYR C 28 14.73 11.64 0.47
CA TYR C 28 16.11 11.61 -0.01
C TYR C 28 16.89 12.88 0.36
N GLN C 29 16.27 14.05 0.24
CA GLN C 29 16.97 15.30 0.51
C GLN C 29 17.44 15.37 1.95
N ILE C 30 16.63 14.89 2.89
CA ILE C 30 17.03 14.92 4.29
C ILE C 30 18.16 13.92 4.55
N ALA C 31 18.38 12.97 3.64
CA ALA C 31 19.47 12.01 3.71
C ALA C 31 20.67 12.44 2.88
N GLN C 32 20.84 13.74 2.68
CA GLN C 32 22.01 14.33 2.01
C GLN C 32 22.13 13.90 0.55
N TYR C 33 21.00 13.79 -0.13
CA TYR C 33 20.97 13.65 -1.59
C TYR C 33 20.86 15.02 -2.24
N LYS C 34 21.42 15.13 -3.45
CA LYS C 34 21.31 16.36 -4.24
C LYS C 34 20.02 16.30 -5.03
N CYS C 35 18.97 16.94 -4.52
CA CYS C 35 17.64 16.85 -5.08
C CYS C 35 17.26 18.13 -5.80
N VAL C 36 16.48 17.97 -6.87
CA VAL C 36 15.95 19.09 -7.64
C VAL C 36 14.55 18.76 -8.09
N THR C 37 13.71 19.78 -8.17
CA THR C 37 12.32 19.66 -8.55
C THR C 37 12.06 20.51 -9.78
N ILE C 38 11.19 20.03 -10.65
CA ILE C 38 10.84 20.69 -11.90
C ILE C 38 9.33 20.83 -11.96
N LYS C 39 8.88 22.01 -12.38
CA LYS C 39 7.45 22.24 -12.58
C LYS C 39 7.25 22.91 -13.95
N TYR C 40 6.01 22.86 -14.42
CA TYR C 40 5.69 23.44 -15.71
C TYR C 40 5.55 24.95 -15.59
N ALA C 59 15.76 23.91 -4.08
CA ALA C 59 16.18 24.17 -5.46
C ALA C 59 15.19 23.54 -6.43
N ALA C 60 14.68 24.35 -7.36
CA ALA C 60 13.70 23.86 -8.33
C ALA C 60 13.71 24.72 -9.58
N LEU C 61 13.64 24.05 -10.73
CA LEU C 61 13.58 24.66 -12.05
C LEU C 61 12.15 24.68 -12.58
N GLU C 62 11.87 25.69 -13.39
CA GLU C 62 10.58 25.88 -14.04
C GLU C 62 10.87 25.98 -15.54
N VAL C 63 10.51 24.93 -16.29
CA VAL C 63 10.78 24.85 -17.72
C VAL C 63 9.55 24.29 -18.41
N THR C 64 9.58 24.33 -19.74
CA THR C 64 8.52 23.77 -20.57
C THR C 64 8.96 22.54 -21.34
N LYS C 65 10.22 22.47 -21.77
CA LYS C 65 10.78 21.31 -22.44
C LYS C 65 11.92 20.75 -21.61
N LEU C 66 11.84 19.46 -21.28
CA LEU C 66 12.85 18.81 -20.45
C LEU C 66 14.16 18.58 -21.17
N CYS C 67 14.15 18.48 -22.50
CA CYS C 67 15.35 18.20 -23.28
C CYS C 67 16.39 19.32 -23.26
N ASP C 68 16.05 20.49 -22.71
CA ASP C 68 17.01 21.59 -22.66
C ASP C 68 17.90 21.58 -21.43
N VAL C 69 17.47 20.96 -20.34
CA VAL C 69 18.17 21.03 -19.06
C VAL C 69 18.97 19.76 -18.78
N LEU C 70 19.26 18.95 -19.79
CA LEU C 70 19.99 17.71 -19.57
C LEU C 70 21.39 17.99 -19.00
N GLU C 71 22.05 19.04 -19.48
CA GLU C 71 23.39 19.33 -19.02
C GLU C 71 23.39 19.90 -17.60
N ALA C 72 22.37 20.68 -17.23
CA ALA C 72 22.42 21.42 -15.98
C ALA C 72 22.34 20.50 -14.77
N ILE C 73 21.40 19.55 -14.77
CA ILE C 73 21.12 18.73 -13.60
C ILE C 73 22.00 17.47 -13.59
N THR C 74 23.20 17.57 -14.16
CA THR C 74 24.11 16.43 -14.21
C THR C 74 24.60 16.02 -12.83
N ASP C 75 24.71 16.96 -11.89
CA ASP C 75 25.25 16.67 -10.57
C ASP C 75 24.18 16.22 -9.58
N PHE C 76 22.93 16.09 -10.00
CA PHE C 76 21.85 15.73 -9.08
C PHE C 76 21.46 14.28 -9.28
N SER C 77 21.13 13.61 -8.18
CA SER C 77 20.71 12.22 -8.21
C SER C 77 19.20 12.04 -8.10
N VAL C 78 18.48 13.02 -7.54
CA VAL C 78 17.04 12.90 -7.36
C VAL C 78 16.36 14.03 -8.11
N ILE C 79 15.48 13.67 -9.04
CA ILE C 79 14.74 14.61 -9.86
C ILE C 79 13.26 14.34 -9.65
N GLY C 80 12.52 15.34 -9.18
CA GLY C 80 11.09 15.26 -9.02
C GLY C 80 10.42 16.18 -10.03
N ILE C 81 9.42 15.66 -10.73
CA ILE C 81 8.71 16.40 -11.77
C ILE C 81 7.24 16.41 -11.40
N ASP C 82 6.62 17.59 -11.48
CA ASP C 82 5.18 17.66 -11.22
C ASP C 82 4.45 18.05 -12.50
N ALA C 83 3.24 17.50 -12.65
CA ALA C 83 2.42 17.70 -13.84
C ALA C 83 3.21 17.35 -15.09
N GLY C 84 3.78 16.14 -15.08
CA GLY C 84 4.66 15.69 -16.15
C GLY C 84 3.98 15.54 -17.49
N GLN C 85 2.65 15.46 -17.51
CA GLN C 85 1.93 15.29 -18.78
C GLN C 85 2.14 16.49 -19.69
N PHE C 86 2.44 17.66 -19.13
CA PHE C 86 2.63 18.86 -19.93
C PHE C 86 3.97 18.88 -20.64
N PHE C 87 4.94 18.09 -20.17
CA PHE C 87 6.25 18.01 -20.82
C PHE C 87 6.16 16.97 -21.94
N PRO C 88 6.29 17.37 -23.21
CA PRO C 88 6.17 16.38 -24.29
C PRO C 88 7.27 15.32 -24.27
N ASP C 89 8.49 15.69 -23.87
CA ASP C 89 9.62 14.77 -23.83
C ASP C 89 9.80 14.10 -22.48
N ILE C 90 8.72 13.81 -21.77
CA ILE C 90 8.83 13.24 -20.43
C ILE C 90 9.43 11.83 -20.49
N VAL C 91 9.08 11.06 -21.52
CA VAL C 91 9.48 9.66 -21.56
C VAL C 91 10.97 9.54 -21.87
N GLU C 92 11.41 10.16 -22.97
CA GLU C 92 12.83 10.15 -23.33
C GLU C 92 13.68 10.64 -22.17
N PHE C 93 13.22 11.71 -21.49
CA PHE C 93 13.96 12.25 -20.37
C PHE C 93 14.04 11.23 -19.23
N CYS C 94 12.91 10.69 -18.79
CA CYS C 94 12.92 9.80 -17.64
C CYS C 94 13.75 8.55 -17.90
N GLU C 95 13.67 7.98 -19.10
CA GLU C 95 14.49 6.82 -19.39
C GLU C 95 15.97 7.16 -19.40
N ARG C 96 16.32 8.27 -20.08
CA ARG C 96 17.72 8.69 -20.13
C ARG C 96 18.27 8.96 -18.73
N MET C 97 17.47 9.58 -17.87
CA MET C 97 17.92 9.94 -16.54
C MET C 97 18.00 8.74 -15.62
N ALA C 98 17.05 7.80 -15.73
CA ALA C 98 17.09 6.59 -14.92
C ALA C 98 18.27 5.71 -15.33
N ASN C 99 18.70 5.77 -16.58
CA ASN C 99 19.86 5.00 -17.01
C ASN C 99 21.19 5.65 -16.65
N GLU C 100 21.17 6.76 -15.91
CA GLU C 100 22.38 7.44 -15.46
C GLU C 100 22.50 7.43 -13.93
N GLY C 101 21.91 6.41 -13.29
CA GLY C 101 21.99 6.28 -11.85
C GLY C 101 21.16 7.26 -11.06
N LYS C 102 20.28 8.02 -11.72
CA LYS C 102 19.49 9.04 -11.05
C LYS C 102 18.10 8.52 -10.73
N ILE C 103 17.57 8.94 -9.59
CA ILE C 103 16.22 8.56 -9.15
C ILE C 103 15.24 9.59 -9.69
N VAL C 104 14.26 9.13 -10.46
CA VAL C 104 13.30 10.04 -11.08
C VAL C 104 11.93 9.74 -10.48
N ILE C 105 11.30 10.78 -9.92
CA ILE C 105 9.98 10.69 -9.31
C ILE C 105 9.07 11.65 -10.05
N VAL C 106 8.00 11.14 -10.66
CA VAL C 106 7.12 11.92 -11.51
C VAL C 106 5.72 11.88 -10.93
N ALA C 107 5.10 13.05 -10.79
CA ALA C 107 3.71 13.21 -10.37
C ALA C 107 2.96 13.87 -11.53
N ALA C 108 2.01 13.12 -12.10
CA ALA C 108 1.32 13.57 -13.31
C ALA C 108 -0.14 13.16 -13.23
N LEU C 109 -0.94 13.73 -14.12
CA LEU C 109 -2.35 13.37 -14.23
C LEU C 109 -2.51 12.11 -15.10
N ASP C 110 -3.37 11.19 -14.65
CA ASP C 110 -3.60 9.98 -15.41
C ASP C 110 -4.61 10.19 -16.51
N GLY C 111 -5.64 10.99 -16.26
CA GLY C 111 -6.70 11.19 -17.23
C GLY C 111 -7.04 12.64 -17.35
N THR C 112 -7.51 13.02 -18.53
CA THR C 112 -7.90 14.39 -18.81
C THR C 112 -9.27 14.67 -18.19
N PHE C 113 -9.84 15.82 -18.52
CA PHE C 113 -11.21 16.11 -18.12
C PHE C 113 -12.22 15.28 -18.90
N GLN C 114 -11.85 14.78 -20.08
CA GLN C 114 -12.70 13.90 -20.88
C GLN C 114 -12.43 12.42 -20.63
N ARG C 115 -11.70 12.09 -19.57
CA ARG C 115 -11.33 10.70 -19.27
C ARG C 115 -10.63 10.03 -20.45
N ARG C 116 -9.86 10.84 -21.23
CA ARG C 116 -9.10 10.35 -22.37
C ARG C 116 -7.64 10.12 -22.00
N PRO C 117 -6.97 9.20 -22.68
CA PRO C 117 -5.56 8.91 -22.37
C PRO C 117 -4.67 10.12 -22.63
N PHE C 118 -3.58 10.19 -21.89
CA PHE C 118 -2.60 11.25 -22.06
C PHE C 118 -1.53 10.85 -23.08
N ASN C 119 -0.83 11.86 -23.60
CA ASN C 119 0.07 11.71 -24.73
C ASN C 119 1.08 10.60 -24.52
N ASN C 120 1.98 10.76 -23.55
CA ASN C 120 3.03 9.79 -23.32
C ASN C 120 3.19 9.40 -21.86
N ILE C 121 2.32 9.89 -20.98
CA ILE C 121 2.36 9.48 -19.58
C ILE C 121 2.13 7.98 -19.45
N LEU C 122 1.21 7.44 -20.25
CA LEU C 122 0.93 6.01 -20.19
C LEU C 122 2.09 5.20 -20.76
N ASN C 123 2.69 5.65 -21.86
CA ASN C 123 3.81 4.95 -22.47
C ASN C 123 5.04 4.94 -21.56
N LEU C 124 4.94 5.60 -20.40
CA LEU C 124 6.01 5.61 -19.41
C LEU C 124 5.84 4.52 -18.37
N ILE C 125 4.67 3.90 -18.29
CA ILE C 125 4.36 2.90 -17.26
C ILE C 125 5.11 1.60 -17.51
N PRO C 126 5.19 1.07 -18.74
CA PRO C 126 6.05 -0.10 -18.97
C PRO C 126 7.52 0.16 -18.70
N LEU C 127 7.92 1.42 -18.49
CA LEU C 127 9.29 1.78 -18.17
C LEU C 127 9.51 2.14 -16.71
N SER C 128 8.45 2.24 -15.92
CA SER C 128 8.56 2.69 -14.54
C SER C 128 8.75 1.50 -13.60
N GLU C 129 9.51 1.73 -12.53
CA GLU C 129 9.69 0.70 -11.51
C GLU C 129 8.56 0.71 -10.50
N MET C 130 7.99 1.87 -10.21
CA MET C 130 6.89 1.99 -9.26
C MET C 130 5.80 2.83 -9.88
N VAL C 131 4.55 2.37 -9.76
CA VAL C 131 3.38 3.10 -10.25
C VAL C 131 2.32 3.02 -9.18
N VAL C 132 1.80 4.17 -8.75
CA VAL C 132 0.72 4.23 -7.77
C VAL C 132 -0.31 5.25 -8.21
N LYS C 133 -1.59 4.95 -7.99
CA LYS C 133 -2.69 5.88 -8.27
C LYS C 133 -3.38 6.29 -6.98
N LEU C 134 -3.39 7.60 -6.69
CA LEU C 134 -4.10 8.08 -5.52
C LEU C 134 -5.51 8.53 -5.88
N THR C 135 -6.37 8.58 -4.87
CA THR C 135 -7.77 8.93 -5.05
C THR C 135 -8.08 10.22 -4.29
N ALA C 136 -9.02 10.97 -4.81
CA ALA C 136 -9.51 12.16 -4.15
C ALA C 136 -10.84 11.83 -3.48
N VAL C 137 -11.48 12.86 -2.92
CA VAL C 137 -12.80 12.73 -2.30
C VAL C 137 -13.80 13.37 -3.26
N CYS C 138 -14.90 12.67 -3.52
CA CYS C 138 -15.89 13.18 -4.45
C CYS C 138 -16.52 14.45 -3.90
N MET C 139 -16.57 15.48 -4.75
CA MET C 139 -17.13 16.77 -4.39
C MET C 139 -18.63 16.84 -4.61
N LYS C 140 -19.27 15.72 -4.91
CA LYS C 140 -20.72 15.68 -5.05
C LYS C 140 -21.38 14.77 -4.02
N CYS C 141 -20.92 13.53 -3.90
CA CYS C 141 -21.51 12.59 -2.93
C CYS C 141 -20.52 12.20 -1.84
N PHE C 142 -19.46 13.00 -1.63
CA PHE C 142 -18.49 12.77 -0.57
C PHE C 142 -18.04 11.31 -0.48
N LYS C 143 -17.82 10.67 -1.61
CA LYS C 143 -17.28 9.32 -1.67
C LYS C 143 -15.88 9.35 -2.28
N GLU C 144 -15.39 8.19 -2.68
CA GLU C 144 -14.05 8.10 -3.24
C GLU C 144 -14.06 8.63 -4.67
N ALA C 145 -13.20 9.61 -4.94
CA ALA C 145 -13.10 10.21 -6.25
C ALA C 145 -11.84 9.74 -6.96
N SER C 146 -11.98 9.45 -8.25
CA SER C 146 -10.85 9.06 -9.08
C SER C 146 -10.85 9.77 -10.42
N PHE C 147 -11.75 10.73 -10.64
CA PHE C 147 -11.83 11.38 -11.94
C PHE C 147 -11.94 12.88 -11.75
N SER C 148 -11.64 13.62 -12.83
CA SER C 148 -11.71 15.08 -12.83
C SER C 148 -12.73 15.55 -13.85
N LYS C 149 -13.49 16.59 -13.49
CA LYS C 149 -14.51 17.16 -14.37
C LYS C 149 -14.44 18.67 -14.32
N ARG C 150 -15.00 19.29 -15.36
CA ARG C 150 -15.04 20.74 -15.50
C ARG C 150 -16.40 21.28 -15.07
N LEU C 151 -16.43 22.56 -14.75
CA LEU C 151 -17.67 23.24 -14.38
C LEU C 151 -18.35 23.83 -15.62
N MET C 165 -14.09 26.21 -13.05
CA MET C 165 -13.32 25.52 -12.03
C MET C 165 -13.21 24.03 -12.36
N TYR C 166 -12.91 23.21 -11.35
CA TYR C 166 -12.74 21.78 -11.53
C TYR C 166 -13.22 21.06 -10.29
N GLN C 167 -13.65 19.82 -10.46
CA GLN C 167 -14.11 19.00 -9.34
C GLN C 167 -13.67 17.56 -9.51
N SER C 168 -13.30 16.93 -8.40
CA SER C 168 -12.94 15.52 -8.38
C SER C 168 -14.18 14.71 -8.03
N VAL C 169 -14.54 13.76 -8.90
CA VAL C 169 -15.77 12.99 -8.75
C VAL C 169 -15.47 11.51 -8.92
N CYS C 170 -16.49 10.70 -8.59
CA CYS C 170 -16.45 9.26 -8.77
C CYS C 170 -17.09 8.92 -10.11
N ARG C 171 -17.36 7.63 -10.32
CA ARG C 171 -17.90 7.18 -11.60
C ARG C 171 -19.35 7.59 -11.76
N LYS C 172 -20.17 7.41 -10.71
CA LYS C 172 -21.59 7.69 -10.81
C LYS C 172 -21.85 9.18 -11.03
N CYS C 173 -21.09 10.04 -10.36
CA CYS C 173 -21.31 11.48 -10.46
C CYS C 173 -20.75 12.09 -11.74
N TYR C 174 -19.89 11.38 -12.46
CA TYR C 174 -19.34 11.91 -13.70
C TYR C 174 -20.35 11.78 -14.84
N GLY D 4 -20.43 0.78 -10.37
CA GLY D 4 -19.32 -0.12 -10.12
C GLY D 4 -17.99 0.57 -10.23
N HIS D 5 -16.91 -0.20 -10.34
CA HIS D 5 -15.58 0.37 -10.48
C HIS D 5 -14.63 -0.66 -11.09
N ILE D 6 -13.39 -0.21 -11.32
CA ILE D 6 -12.35 -1.00 -11.95
C ILE D 6 -11.11 -0.98 -11.07
N GLN D 7 -10.64 -2.17 -10.70
CA GLN D 7 -9.38 -2.38 -10.01
C GLN D 7 -8.42 -3.02 -11.00
N LEU D 8 -7.24 -2.44 -11.13
CA LEU D 8 -6.26 -2.84 -12.12
C LEU D 8 -4.95 -3.18 -11.40
N ILE D 9 -4.41 -4.36 -11.71
CA ILE D 9 -3.19 -4.87 -11.10
C ILE D 9 -2.21 -5.17 -12.22
N ILE D 10 -1.11 -4.42 -12.28
CA ILE D 10 -0.09 -4.69 -13.28
C ILE D 10 1.24 -5.05 -12.62
N GLY D 11 2.24 -5.31 -13.44
CA GLY D 11 3.53 -5.76 -12.97
C GLY D 11 4.13 -6.77 -13.94
N PRO D 12 5.42 -7.05 -13.79
CA PRO D 12 6.06 -8.03 -14.68
C PRO D 12 5.64 -9.46 -14.37
N MET D 13 6.13 -10.40 -15.17
CA MET D 13 5.87 -11.80 -14.88
C MET D 13 6.48 -12.19 -13.53
N PHE D 14 5.90 -13.23 -12.92
CA PHE D 14 6.38 -13.79 -11.66
C PHE D 14 6.30 -12.80 -10.50
N SER D 15 5.48 -11.76 -10.64
CA SER D 15 5.28 -10.80 -9.56
C SER D 15 4.07 -11.11 -8.71
N GLY D 16 3.21 -12.04 -9.13
CA GLY D 16 2.06 -12.43 -8.36
C GLY D 16 0.75 -11.77 -8.73
N LYS D 17 0.60 -11.25 -9.96
CA LYS D 17 -0.62 -10.57 -10.34
C LYS D 17 -1.84 -11.47 -10.23
N SER D 18 -1.71 -12.73 -10.67
CA SER D 18 -2.86 -13.64 -10.63
C SER D 18 -3.27 -13.96 -9.20
N THR D 19 -2.30 -14.16 -8.31
CA THR D 19 -2.61 -14.45 -6.92
C THR D 19 -3.31 -13.27 -6.24
N GLU D 20 -2.83 -12.06 -6.50
CA GLU D 20 -3.51 -10.88 -5.97
C GLU D 20 -4.91 -10.78 -6.55
N LEU D 21 -5.09 -11.17 -7.82
CA LEU D 21 -6.41 -11.18 -8.41
C LEU D 21 -7.35 -12.08 -7.62
N ILE D 22 -6.94 -13.33 -7.39
CA ILE D 22 -7.86 -14.23 -6.70
C ILE D 22 -8.04 -13.83 -5.24
N ARG D 23 -7.08 -13.13 -4.63
CA ARG D 23 -7.32 -12.62 -3.29
C ARG D 23 -8.42 -11.56 -3.29
N ARG D 24 -8.32 -10.60 -4.23
CA ARG D 24 -9.32 -9.54 -4.30
C ARG D 24 -10.70 -10.11 -4.64
N VAL D 25 -10.75 -11.14 -5.50
CA VAL D 25 -12.03 -11.76 -5.83
C VAL D 25 -12.60 -12.52 -4.64
N ARG D 26 -11.74 -13.31 -3.96
CA ARG D 26 -12.21 -14.10 -2.83
C ARG D 26 -12.72 -13.23 -1.69
N ARG D 27 -12.22 -12.00 -1.56
CA ARG D 27 -12.78 -11.08 -0.56
C ARG D 27 -14.27 -10.89 -0.76
N TYR D 28 -14.71 -10.67 -2.00
CA TYR D 28 -16.13 -10.50 -2.24
C TYR D 28 -16.85 -11.84 -2.18
N GLN D 29 -16.25 -12.89 -2.72
CA GLN D 29 -16.90 -14.19 -2.77
C GLN D 29 -17.26 -14.68 -1.38
N ILE D 30 -16.39 -14.42 -0.40
CA ILE D 30 -16.66 -14.86 0.96
C ILE D 30 -17.79 -14.06 1.60
N ALA D 31 -18.15 -12.92 1.03
CA ALA D 31 -19.25 -12.09 1.52
C ALA D 31 -20.55 -12.33 0.77
N GLN D 32 -20.74 -13.53 0.22
CA GLN D 32 -21.98 -13.91 -0.45
C GLN D 32 -22.20 -13.07 -1.72
N TYR D 33 -21.13 -12.78 -2.43
CA TYR D 33 -21.21 -12.18 -3.75
C TYR D 33 -21.25 -13.26 -4.82
N LYS D 34 -21.91 -12.94 -5.93
CA LYS D 34 -21.92 -13.80 -7.12
C LYS D 34 -20.71 -13.42 -7.96
N CYS D 35 -19.64 -14.19 -7.84
CA CYS D 35 -18.35 -13.89 -8.46
C CYS D 35 -18.09 -14.81 -9.64
N VAL D 36 -17.40 -14.28 -10.66
CA VAL D 36 -17.03 -15.08 -11.83
C VAL D 36 -15.64 -14.64 -12.31
N THR D 37 -14.87 -15.60 -12.82
CA THR D 37 -13.52 -15.36 -13.29
C THR D 37 -13.38 -15.77 -14.75
N ILE D 38 -12.58 -15.00 -15.49
CA ILE D 38 -12.34 -15.19 -16.91
C ILE D 38 -10.83 -15.26 -17.14
N LYS D 39 -10.41 -16.22 -17.96
CA LYS D 39 -9.04 -16.37 -18.38
C LYS D 39 -8.99 -16.57 -19.90
N TYR D 40 -7.80 -16.40 -20.46
CA TYR D 40 -7.64 -16.54 -21.90
C TYR D 40 -7.54 -18.02 -22.29
N ALA D 59 -18.02 -19.71 -12.86
CA ALA D 59 -16.94 -19.32 -11.97
C ALA D 59 -15.65 -19.13 -12.76
N ALA D 60 -15.36 -20.06 -13.67
CA ALA D 60 -14.20 -20.01 -14.53
C ALA D 60 -14.64 -20.02 -15.99
N LEU D 61 -13.97 -19.20 -16.81
CA LEU D 61 -14.28 -19.12 -18.24
C LEU D 61 -13.01 -19.03 -19.05
N GLU D 62 -13.05 -19.58 -20.26
CA GLU D 62 -11.93 -19.53 -21.20
C GLU D 62 -12.47 -18.98 -22.51
N VAL D 63 -12.12 -17.73 -22.84
CA VAL D 63 -12.61 -17.07 -24.04
C VAL D 63 -11.46 -16.35 -24.73
N THR D 64 -11.71 -15.91 -25.96
CA THR D 64 -10.75 -15.15 -26.75
C THR D 64 -11.16 -13.70 -26.96
N LYS D 65 -12.45 -13.42 -27.10
CA LYS D 65 -12.97 -12.06 -27.26
C LYS D 65 -13.91 -11.74 -26.12
N LEU D 66 -13.67 -10.60 -25.46
CA LEU D 66 -14.52 -10.21 -24.32
C LEU D 66 -15.91 -9.77 -24.78
N CYS D 67 -16.05 -9.29 -26.01
CA CYS D 67 -17.38 -8.89 -26.48
C CYS D 67 -18.31 -10.09 -26.66
N ASP D 68 -17.78 -11.30 -26.51
CA ASP D 68 -18.57 -12.53 -26.63
C ASP D 68 -19.20 -12.96 -25.31
N VAL D 69 -18.70 -12.49 -24.18
CA VAL D 69 -19.17 -12.95 -22.88
C VAL D 69 -20.17 -11.98 -22.25
N LEU D 70 -20.73 -11.08 -23.05
CA LEU D 70 -21.71 -10.13 -22.53
C LEU D 70 -22.95 -10.85 -22.01
N GLU D 71 -23.38 -11.92 -22.70
CA GLU D 71 -24.59 -12.61 -22.28
C GLU D 71 -24.38 -13.41 -20.99
N ALA D 72 -23.19 -14.01 -20.82
CA ALA D 72 -23.02 -15.00 -19.76
C ALA D 72 -23.05 -14.36 -18.37
N ILE D 73 -22.23 -13.33 -18.18
CA ILE D 73 -22.01 -12.75 -16.85
C ILE D 73 -23.00 -11.63 -16.57
N THR D 74 -24.17 -11.67 -17.20
CA THR D 74 -25.15 -10.61 -16.97
C THR D 74 -25.65 -10.63 -15.54
N ASP D 75 -25.71 -11.82 -14.94
CA ASP D 75 -26.22 -12.01 -13.60
C ASP D 75 -25.15 -11.88 -12.52
N PHE D 76 -23.92 -11.55 -12.89
CA PHE D 76 -22.82 -11.47 -11.93
C PHE D 76 -22.49 -10.02 -11.60
N SER D 77 -22.09 -9.80 -10.34
CA SER D 77 -21.69 -8.49 -9.86
C SER D 77 -20.18 -8.32 -9.76
N VAL D 78 -19.42 -9.41 -9.67
CA VAL D 78 -17.97 -9.36 -9.55
C VAL D 78 -17.37 -10.12 -10.72
N ILE D 79 -16.52 -9.43 -11.47
CA ILE D 79 -15.89 -9.94 -12.69
C ILE D 79 -14.39 -9.86 -12.49
N GLY D 80 -13.71 -11.00 -12.59
CA GLY D 80 -12.25 -11.04 -12.54
C GLY D 80 -11.73 -11.45 -13.90
N ILE D 81 -10.73 -10.73 -14.39
CA ILE D 81 -10.12 -10.99 -15.69
C ILE D 81 -8.63 -11.19 -15.50
N ASP D 82 -8.10 -12.28 -16.05
CA ASP D 82 -6.67 -12.55 -15.97
C ASP D 82 -6.06 -12.50 -17.36
N ALA D 83 -4.82 -12.00 -17.43
CA ALA D 83 -4.12 -11.80 -18.70
C ALA D 83 -4.95 -10.93 -19.64
N GLY D 84 -5.37 -9.77 -19.13
CA GLY D 84 -6.27 -8.90 -19.88
C GLY D 84 -5.68 -8.30 -21.14
N GLN D 85 -4.35 -8.24 -21.25
CA GLN D 85 -3.74 -7.65 -22.43
C GLN D 85 -4.04 -8.46 -23.69
N PHE D 86 -4.35 -9.75 -23.55
CA PHE D 86 -4.64 -10.57 -24.72
C PHE D 86 -6.00 -10.26 -25.33
N PHE D 87 -6.88 -9.62 -24.57
CA PHE D 87 -8.19 -9.23 -25.07
C PHE D 87 -8.06 -7.91 -25.79
N PRO D 88 -8.30 -7.87 -27.10
CA PRO D 88 -8.15 -6.60 -27.83
C PRO D 88 -9.15 -5.54 -27.38
N ASP D 89 -10.37 -5.96 -27.04
CA ASP D 89 -11.42 -5.07 -26.57
C ASP D 89 -11.48 -4.96 -25.05
N ILE D 90 -10.33 -5.00 -24.37
CA ILE D 90 -10.33 -5.00 -22.91
C ILE D 90 -10.85 -3.68 -22.37
N VAL D 91 -10.52 -2.58 -23.06
CA VAL D 91 -10.84 -1.24 -22.54
C VAL D 91 -12.33 -0.97 -22.62
N GLU D 92 -12.94 -1.26 -23.77
CA GLU D 92 -14.38 -1.03 -23.92
C GLU D 92 -15.19 -2.00 -23.06
N PHE D 93 -14.74 -3.25 -22.96
CA PHE D 93 -15.47 -4.23 -22.16
C PHE D 93 -15.53 -3.83 -20.69
N CYS D 94 -14.37 -3.53 -20.09
CA CYS D 94 -14.35 -3.29 -18.65
C CYS D 94 -15.22 -2.09 -18.26
N GLU D 95 -15.19 -1.03 -19.07
CA GLU D 95 -16.04 0.12 -18.78
C GLU D 95 -17.51 -0.22 -19.00
N ARG D 96 -17.82 -0.91 -20.11
CA ARG D 96 -19.18 -1.33 -20.41
C ARG D 96 -19.70 -2.38 -19.44
N MET D 97 -18.88 -2.83 -18.48
CA MET D 97 -19.33 -3.65 -17.36
C MET D 97 -19.40 -2.89 -16.06
N ALA D 98 -18.43 -2.00 -15.81
CA ALA D 98 -18.43 -1.18 -14.60
C ALA D 98 -19.56 -0.16 -14.59
N ASN D 99 -20.08 0.25 -15.75
CA ASN D 99 -21.18 1.21 -15.78
C ASN D 99 -22.53 0.56 -15.50
N GLU D 100 -22.56 -0.74 -15.22
CA GLU D 100 -23.79 -1.45 -14.87
C GLU D 100 -23.73 -1.99 -13.44
N GLY D 101 -22.96 -1.33 -12.59
CA GLY D 101 -22.86 -1.72 -11.19
C GLY D 101 -21.97 -2.91 -10.90
N LYS D 102 -21.18 -3.37 -11.86
CA LYS D 102 -20.34 -4.54 -11.67
C LYS D 102 -18.92 -4.13 -11.30
N ILE D 103 -18.32 -4.90 -10.40
CA ILE D 103 -16.94 -4.68 -9.96
C ILE D 103 -16.02 -5.48 -10.87
N VAL D 104 -15.06 -4.81 -11.51
CA VAL D 104 -14.17 -5.47 -12.45
C VAL D 104 -12.75 -5.41 -11.88
N ILE D 105 -12.14 -6.58 -11.72
CA ILE D 105 -10.78 -6.72 -11.19
C ILE D 105 -9.94 -7.40 -12.26
N VAL D 106 -8.90 -6.71 -12.73
CA VAL D 106 -8.11 -7.18 -13.87
C VAL D 106 -6.66 -7.34 -13.42
N ALA D 107 -6.06 -8.46 -13.79
CA ALA D 107 -4.63 -8.69 -13.60
C ALA D 107 -4.01 -8.86 -14.97
N ALA D 108 -3.17 -7.91 -15.37
CA ALA D 108 -2.64 -7.91 -16.73
C ALA D 108 -1.20 -7.41 -16.70
N LEU D 109 -0.49 -7.69 -17.79
CA LEU D 109 0.87 -7.17 -17.97
C LEU D 109 0.81 -5.77 -18.56
N ASP D 110 1.65 -4.88 -18.03
CA ASP D 110 1.69 -3.52 -18.52
C ASP D 110 2.56 -3.36 -19.75
N GLY D 111 3.65 -4.11 -19.85
CA GLY D 111 4.59 -3.92 -20.94
C GLY D 111 5.01 -5.24 -21.58
N THR D 112 5.39 -5.14 -22.85
CA THR D 112 5.82 -6.29 -23.63
C THR D 112 7.25 -6.68 -23.25
N PHE D 113 7.86 -7.55 -24.05
CA PHE D 113 9.23 -7.98 -23.80
C PHE D 113 10.24 -6.87 -24.01
N GLN D 114 9.92 -5.90 -24.87
CA GLN D 114 10.79 -4.77 -25.13
C GLN D 114 10.48 -3.57 -24.25
N ARG D 115 9.71 -3.76 -23.18
CA ARG D 115 9.30 -2.66 -22.30
C ARG D 115 8.62 -1.56 -23.10
N ARG D 116 7.92 -1.95 -24.19
CA ARG D 116 7.18 -1.12 -25.11
C ARG D 116 5.69 -1.15 -24.78
N PRO D 117 4.96 -0.09 -25.12
CA PRO D 117 3.52 -0.05 -24.78
C PRO D 117 2.77 -1.15 -25.51
N PHE D 118 1.68 -1.59 -24.88
CA PHE D 118 0.83 -2.61 -25.46
C PHE D 118 -0.23 -1.98 -26.34
N ASN D 119 -0.97 -2.84 -27.05
CA ASN D 119 -1.90 -2.38 -28.07
C ASN D 119 -3.00 -1.50 -27.48
N ASN D 120 -3.67 -1.99 -26.42
CA ASN D 120 -4.81 -1.27 -25.89
C ASN D 120 -5.06 -1.64 -24.43
N ILE D 121 -3.99 -1.70 -23.63
CA ILE D 121 -4.13 -1.89 -22.20
C ILE D 121 -3.84 -0.62 -21.42
N LEU D 122 -3.06 0.31 -21.98
CA LEU D 122 -2.82 1.59 -21.32
C LEU D 122 -4.12 2.37 -21.20
N ASN D 123 -4.96 2.34 -22.23
CA ASN D 123 -6.17 3.15 -22.30
C ASN D 123 -7.18 2.77 -21.23
N LEU D 124 -6.87 1.74 -20.43
CA LEU D 124 -7.76 1.31 -19.36
C LEU D 124 -7.47 2.01 -18.04
N ILE D 125 -6.30 2.62 -17.90
CA ILE D 125 -5.88 3.24 -16.64
C ILE D 125 -6.63 4.54 -16.37
N PRO D 126 -6.81 5.44 -17.36
CA PRO D 126 -7.63 6.63 -17.11
C PRO D 126 -9.08 6.31 -16.77
N LEU D 127 -9.50 5.06 -16.91
CA LEU D 127 -10.85 4.65 -16.55
C LEU D 127 -10.91 3.85 -15.25
N SER D 128 -9.78 3.47 -14.69
CA SER D 128 -9.76 2.61 -13.51
C SER D 128 -9.79 3.45 -12.24
N GLU D 129 -10.45 2.92 -11.22
CA GLU D 129 -10.48 3.58 -9.92
C GLU D 129 -9.27 3.24 -9.07
N MET D 130 -8.73 2.04 -9.21
CA MET D 130 -7.55 1.66 -8.45
C MET D 130 -6.53 1.03 -9.40
N VAL D 131 -5.27 1.44 -9.27
CA VAL D 131 -4.19 0.90 -10.08
C VAL D 131 -2.99 0.63 -9.18
N VAL D 132 -2.47 -0.60 -9.21
CA VAL D 132 -1.28 -0.92 -8.42
C VAL D 132 -0.33 -1.72 -9.29
N LYS D 133 0.97 -1.48 -9.11
CA LYS D 133 2.02 -2.21 -9.80
C LYS D 133 2.81 -3.02 -8.78
N LEU D 134 2.82 -4.33 -8.97
CA LEU D 134 3.55 -5.23 -8.09
C LEU D 134 4.96 -5.48 -8.64
N THR D 135 5.82 -5.99 -7.76
CA THR D 135 7.21 -6.26 -8.12
C THR D 135 7.53 -7.74 -8.00
N ALA D 136 8.42 -8.20 -8.87
CA ALA D 136 8.98 -9.54 -8.77
C ALA D 136 10.38 -9.44 -8.18
N VAL D 137 11.05 -10.57 -8.11
CA VAL D 137 12.44 -10.63 -7.64
C VAL D 137 13.31 -10.86 -8.85
N CYS D 138 14.40 -10.09 -8.96
CA CYS D 138 15.28 -10.22 -10.11
C CYS D 138 15.96 -11.58 -10.09
N MET D 139 15.89 -12.29 -11.21
CA MET D 139 16.45 -13.63 -11.30
C MET D 139 17.92 -13.62 -11.72
N LYS D 140 18.54 -12.45 -11.78
CA LYS D 140 19.96 -12.33 -12.09
C LYS D 140 20.73 -11.70 -10.95
N CYS D 141 20.26 -10.56 -10.44
CA CYS D 141 20.92 -9.85 -9.35
C CYS D 141 20.11 -9.83 -8.06
N PHE D 142 19.11 -10.70 -7.93
CA PHE D 142 18.30 -10.86 -6.72
C PHE D 142 17.89 -9.54 -6.07
N LYS D 143 17.53 -8.54 -6.87
CA LYS D 143 17.01 -7.30 -6.36
C LYS D 143 15.54 -7.16 -6.76
N GLU D 144 14.99 -5.97 -6.58
CA GLU D 144 13.63 -5.72 -7.02
C GLU D 144 13.54 -5.80 -8.53
N ALA D 145 12.56 -6.55 -9.03
CA ALA D 145 12.37 -6.70 -10.47
C ALA D 145 11.08 -6.02 -10.89
N SER D 146 11.15 -5.31 -12.02
CA SER D 146 9.98 -4.65 -12.57
C SER D 146 9.85 -4.83 -14.08
N PHE D 147 10.71 -5.64 -14.71
CA PHE D 147 10.63 -5.83 -16.15
C PHE D 147 10.78 -7.32 -16.48
N SER D 148 10.34 -7.67 -17.69
CA SER D 148 10.39 -9.04 -18.18
C SER D 148 11.31 -9.12 -19.37
N LYS D 149 12.07 -10.22 -19.46
CA LYS D 149 13.00 -10.44 -20.55
C LYS D 149 12.87 -11.86 -21.05
N ARG D 150 12.97 -12.02 -22.37
CA ARG D 150 12.86 -13.33 -23.00
C ARG D 150 14.24 -13.94 -23.17
N TYR D 166 11.99 -17.36 -19.93
CA TYR D 166 11.76 -15.98 -19.52
C TYR D 166 12.34 -15.70 -18.13
N GLN D 167 12.73 -14.46 -17.89
CA GLN D 167 13.26 -14.08 -16.58
C GLN D 167 12.81 -12.67 -16.22
N SER D 168 12.50 -12.47 -14.94
CA SER D 168 12.12 -11.15 -14.44
C SER D 168 13.37 -10.46 -13.91
N VAL D 169 13.65 -9.26 -14.42
CA VAL D 169 14.88 -8.55 -14.11
C VAL D 169 14.54 -7.11 -13.72
N CYS D 170 15.57 -6.42 -13.21
CA CYS D 170 15.53 -5.02 -12.86
C CYS D 170 16.07 -4.19 -14.02
N ARG D 171 16.36 -2.92 -13.76
CA ARG D 171 16.84 -2.03 -14.81
C ARG D 171 18.26 -2.37 -15.22
N LYS D 172 19.13 -2.62 -14.23
CA LYS D 172 20.53 -2.90 -14.55
C LYS D 172 20.66 -4.22 -15.32
N CYS D 173 19.88 -5.23 -14.95
CA CYS D 173 19.97 -6.52 -15.60
C CYS D 173 19.22 -6.59 -16.92
N TYR D 174 18.35 -5.62 -17.20
CA TYR D 174 17.62 -5.64 -18.47
C TYR D 174 18.48 -5.16 -19.63
N ILE D 175 19.35 -4.18 -19.38
CA ILE D 175 20.20 -3.62 -20.44
C ILE D 175 21.66 -3.75 -20.03
N ASP D 176 22.07 -4.98 -19.68
CA ASP D 176 23.44 -5.23 -19.25
C ASP D 176 24.42 -5.02 -20.40
ZN ZN E . 22.09 1.44 6.37
P PO4 F . 8.32 12.62 10.12
O1 PO4 F . 8.18 12.98 11.55
O2 PO4 F . 9.70 12.17 9.88
O3 PO4 F . 7.41 11.53 9.76
O4 PO4 F . 8.05 13.78 9.26
PA TTP G . -7.15 -16.39 10.17
O1A TTP G . -6.40 -17.55 9.55
O2A TTP G . -6.22 -15.19 10.35
O3A TTP G . -8.41 -15.97 9.28
PB TTP G . -8.56 -16.55 7.78
O1B TTP G . -7.34 -17.37 7.40
O2B TTP G . -9.82 -17.38 7.66
O3B TTP G . -8.68 -15.23 6.88
PG TTP G . -7.55 -14.89 5.77
O1G TTP G . -6.79 -16.13 5.36
O2G TTP G . -8.24 -14.32 4.55
O3G TTP G . -6.58 -13.91 6.35
O5' TTP G . -7.79 -16.81 11.57
C5' TTP G . -6.97 -17.18 12.68
C4' TTP G . -7.78 -18.10 13.59
O4' TTP G . -7.81 -17.62 14.93
C3' TTP G . -9.22 -18.22 13.14
O3' TTP G . -9.44 -19.46 12.44
C2' TTP G . -10.07 -18.17 14.40
C1' TTP G . -9.08 -17.89 15.53
N1 TTP G . -9.51 -16.74 16.34
C2 TTP G . -9.19 -16.72 17.73
O2 TTP G . -8.56 -17.68 18.23
N3 TTP G . -9.56 -15.71 18.52
C4 TTP G . -10.24 -14.67 18.01
O4 TTP G . -10.58 -13.71 18.75
C5 TTP G . -10.58 -14.65 16.57
C5M TTP G . -11.34 -13.51 15.97
C6 TTP G . -10.18 -15.73 15.79
ZN ZN H . -20.98 -3.19 8.42
ZN ZN I . -19.83 11.06 -6.12
P PO4 J . -2.75 17.73 -7.33
O1 PO4 J . -3.23 18.79 -6.38
O2 PO4 J . -1.30 17.41 -7.05
O3 PO4 J . -3.57 16.47 -7.17
O4 PO4 J . -2.88 18.23 -8.75
ZN ZN K . 18.76 -7.25 -11.67
P PO4 L . 1.97 -13.74 -12.51
O1 PO4 L . 0.78 -13.98 -11.61
O2 PO4 L . 2.94 -12.79 -11.86
O3 PO4 L . 2.67 -15.07 -12.76
O4 PO4 L . 1.51 -13.18 -13.83
#